data_6BD8
#
_entry.id   6BD8
#
_cell.length_a   75.740
_cell.length_b   101.290
_cell.length_c   123.610
_cell.angle_alpha   90.00
_cell.angle_beta   90.00
_cell.angle_gamma   90.00
#
_symmetry.space_group_name_H-M   'I 2 2 2'
#
loop_
_entity.id
_entity.type
_entity.pdbx_description
1 polymer 'Cytochrome P450 3A4'
2 non-polymer 'PROTOPORPHYRIN IX CONTAINING FE'
3 non-polymer S-{(2S)-2-[(1-tert-butoxyethenyl)amino]-3-phenylpropyl}-N~2~-cyclopentyl-N-[(pyridin-3-yl)methyl]-L-cysteinamide
4 water water
#
_entity_poly.entity_id   1
_entity_poly.type   'polypeptide(L)'
_entity_poly.pdbx_seq_one_letter_code
;MAYLYGTHSHGLFKKLGIPGPTPLPFLGNILSYHKGFCMFDMECHKKYGKVWGFYDGQQPVLAITDPDMIKTVLVKECYS
VFTNRRPFGPVGFMKSAISIAEDEEWKRLRSLLSPTFTSGKLKEMVPIIAQYGDVLVRNLRREAETGKPVTLKDVFGAYS
MDVITSTSFGVNIDSLNNPQDPFVENTKKLLRFDFLDPFFLSITVFPFLIPILEVLNICVFPREVTNFLRKSVKRMKESR
LEDTQKHRVDFLQLMIDSQNSKETESHKALSDLELVAQSIIFIFAGYETTSSVLSFIMYELATHPDVQQKLQEEIDAVLP
NKAPPTYDTVLQMEYLDMVVNETLRLFPIAMRLERVCKKDVEINGMFIPKGVVVMIPSYALHRDPKYWTEPEKFLPERFS
KKNKDNIDPYIYTPFGSGPRNCIGMRFALMNMKLALIRVLQNFSFKPCKETQIPLKLSLGGLLQPEKPVVLKVESRDGTV
SGAHHHH
;
_entity_poly.pdbx_strand_id   A
#
loop_
_chem_comp.id
_chem_comp.type
_chem_comp.name
_chem_comp.formula
D81 non-polymer S-{(2S)-2-[(1-tert-butoxyethenyl)amino]-3-phenylpropyl}-N~2~-cyclopentyl-N-[(pyridin-3-yl)methyl]-L-cysteinamide 'C29 H42 N4 O2 S'
HEM non-polymer 'PROTOPORPHYRIN IX CONTAINING FE' 'C34 H32 Fe N4 O4'
#
# COMPACT_ATOMS: atom_id res chain seq x y z
N SER A 9 18.06 -8.01 27.10
CA SER A 9 17.93 -8.21 25.66
C SER A 9 18.20 -6.91 24.89
N HIS A 10 18.35 -5.83 25.65
CA HIS A 10 18.63 -4.51 25.08
C HIS A 10 20.13 -4.21 24.87
N GLY A 11 20.98 -5.20 25.10
CA GLY A 11 22.39 -5.00 24.86
C GLY A 11 22.83 -5.27 23.41
N LEU A 12 21.94 -5.86 22.61
CA LEU A 12 22.34 -6.49 21.34
C LEU A 12 23.24 -5.62 20.48
N PHE A 13 22.72 -4.49 20.02
CA PHE A 13 23.43 -3.69 19.03
C PHE A 13 24.69 -3.05 19.58
N LYS A 14 24.69 -2.81 20.88
CA LYS A 14 25.87 -2.29 21.54
C LYS A 14 27.01 -3.29 21.34
N LYS A 15 26.71 -4.57 21.56
CA LYS A 15 27.68 -5.63 21.34
C LYS A 15 28.17 -5.69 19.88
N LEU A 16 27.23 -5.77 18.94
CA LEU A 16 27.57 -5.78 17.51
C LEU A 16 28.27 -4.49 17.08
N GLY A 17 28.35 -3.54 18.00
CA GLY A 17 28.97 -2.26 17.70
C GLY A 17 28.17 -1.44 16.69
N ILE A 18 26.86 -1.62 16.70
CA ILE A 18 25.97 -0.87 15.82
C ILE A 18 25.26 0.23 16.61
N PRO A 19 25.30 1.47 16.11
CA PRO A 19 24.79 2.62 16.86
C PRO A 19 23.28 2.69 16.79
N GLY A 20 22.67 3.43 17.72
CA GLY A 20 21.24 3.63 17.78
C GLY A 20 20.80 4.36 19.04
N PRO A 21 19.52 4.75 19.10
CA PRO A 21 19.03 5.47 20.30
C PRO A 21 18.87 4.57 21.53
N THR A 22 19.20 5.11 22.69
CA THR A 22 19.16 4.36 23.95
C THR A 22 17.72 3.97 24.30
N PRO A 23 17.48 2.67 24.53
CA PRO A 23 16.13 2.17 24.79
C PRO A 23 15.77 2.27 26.25
N LEU A 24 14.49 2.35 26.57
CA LEU A 24 14.06 2.32 27.96
C LEU A 24 13.66 0.91 28.28
N PRO A 25 13.81 0.49 29.55
CA PRO A 25 13.34 -0.87 29.82
C PRO A 25 11.90 -1.08 29.34
N PHE A 26 11.60 -2.28 28.86
CA PHE A 26 10.29 -2.65 28.36
C PHE A 26 9.92 -1.83 27.14
N LEU A 27 9.86 -0.51 27.27
CA LEU A 27 9.40 0.31 26.12
C LEU A 27 10.26 0.19 24.88
N GLY A 28 11.52 -0.15 25.06
CA GLY A 28 12.46 0.02 23.98
C GLY A 28 12.51 1.51 23.63
N ASN A 29 12.49 1.80 22.34
CA ASN A 29 12.45 3.18 21.84
C ASN A 29 11.08 3.70 21.39
N ILE A 30 9.98 2.99 21.72
CA ILE A 30 8.71 3.36 21.11
C ILE A 30 8.17 4.74 21.54
N LEU A 31 8.64 5.27 22.67
CA LEU A 31 8.30 6.64 23.00
C LEU A 31 8.66 7.55 21.82
N SER A 32 9.70 7.17 21.07
CA SER A 32 10.14 7.99 19.92
C SER A 32 9.25 7.88 18.69
N TYR A 33 8.07 7.27 18.83
CA TYR A 33 7.13 7.22 17.72
C TYR A 33 6.09 8.34 17.83
N HIS A 34 6.33 9.26 18.77
CA HIS A 34 5.38 10.33 19.08
C HIS A 34 5.25 11.34 17.94
N LYS A 35 6.02 11.15 16.87
CA LYS A 35 5.92 12.01 15.71
C LYS A 35 5.82 11.18 14.44
N GLY A 36 5.42 9.92 14.62
CA GLY A 36 5.15 9.06 13.49
C GLY A 36 6.39 8.31 13.08
N PHE A 37 6.22 7.24 12.33
CA PHE A 37 7.36 6.43 11.93
C PHE A 37 8.31 7.26 11.14
N CYS A 38 7.74 8.04 10.25
CA CYS A 38 8.55 8.61 9.20
C CYS A 38 9.56 9.56 9.81
N MET A 39 9.05 10.53 10.56
CA MET A 39 9.95 11.47 11.22
C MET A 39 11.06 10.80 12.04
N PHE A 40 10.77 9.66 12.68
CA PHE A 40 11.77 8.94 13.48
C PHE A 40 12.89 8.33 12.61
N ASP A 41 12.51 7.81 11.46
CA ASP A 41 13.49 7.23 10.55
C ASP A 41 14.43 8.30 9.98
N MET A 42 13.88 9.40 9.45
CA MET A 42 14.69 10.55 9.00
CA MET A 42 14.73 10.48 8.96
C MET A 42 15.71 10.92 10.05
N GLU A 43 15.22 11.02 11.27
CA GLU A 43 16.08 11.50 12.34
C GLU A 43 17.17 10.52 12.67
N CYS A 44 16.85 9.23 12.71
CA CYS A 44 17.90 8.27 12.95
C CYS A 44 18.89 8.30 11.79
N HIS A 45 18.38 8.52 10.58
CA HIS A 45 19.17 8.43 9.35
C HIS A 45 20.24 9.52 9.37
N LYS A 46 19.81 10.74 9.66
CA LYS A 46 20.72 11.86 9.81
C LYS A 46 21.70 11.58 10.93
N LYS A 47 21.20 11.22 12.10
CA LYS A 47 22.06 11.15 13.29
C LYS A 47 23.10 10.03 13.28
N TYR A 48 22.76 8.87 12.74
CA TYR A 48 23.64 7.71 12.85
C TYR A 48 24.35 7.36 11.55
N GLY A 49 23.68 7.52 10.42
CA GLY A 49 24.30 7.24 9.13
C GLY A 49 23.63 6.13 8.32
N LYS A 50 24.42 5.16 7.89
CA LYS A 50 23.94 4.14 6.95
C LYS A 50 23.28 2.95 7.63
N VAL A 51 23.64 2.67 8.90
CA VAL A 51 23.00 1.59 9.66
CA VAL A 51 23.01 1.60 9.67
C VAL A 51 22.73 1.99 11.12
N TRP A 52 21.62 1.50 11.67
CA TRP A 52 21.35 1.72 13.08
C TRP A 52 20.37 0.67 13.53
N GLY A 53 20.29 0.47 14.83
CA GLY A 53 19.36 -0.49 15.38
C GLY A 53 18.58 0.11 16.53
N PHE A 54 17.39 -0.43 16.76
CA PHE A 54 16.55 0.03 17.85
C PHE A 54 15.58 -1.08 18.20
N TYR A 55 14.76 -0.79 19.19
CA TYR A 55 14.00 -1.80 19.94
C TYR A 55 12.53 -1.40 20.07
N ASP A 56 11.67 -1.97 19.23
CA ASP A 56 10.23 -1.94 19.44
C ASP A 56 9.92 -2.83 20.64
N GLY A 57 9.88 -2.28 21.84
CA GLY A 57 9.75 -3.15 22.99
C GLY A 57 11.05 -3.92 23.11
N GLN A 58 10.97 -5.23 23.24
CA GLN A 58 12.20 -6.02 23.43
C GLN A 58 12.76 -6.49 22.10
N GLN A 59 12.09 -6.11 21.00
CA GLN A 59 12.41 -6.62 19.66
C GLN A 59 13.48 -5.83 18.93
N PRO A 60 14.67 -6.42 18.64
CA PRO A 60 15.68 -5.62 17.91
C PRO A 60 15.27 -5.43 16.50
N VAL A 61 15.39 -4.20 16.01
CA VAL A 61 15.05 -3.90 14.61
C VAL A 61 16.30 -3.28 14.06
N LEU A 62 16.80 -3.81 12.97
CA LEU A 62 17.99 -3.26 12.35
C LEU A 62 17.67 -2.54 11.05
N ALA A 63 17.99 -1.24 10.99
CA ALA A 63 17.67 -0.41 9.85
C ALA A 63 18.88 -0.41 8.99
N ILE A 64 18.66 -0.40 7.68
CA ILE A 64 19.76 -0.38 6.77
C ILE A 64 19.40 0.55 5.63
N THR A 65 20.41 1.19 5.02
CA THR A 65 20.16 2.14 3.95
C THR A 65 21.12 1.97 2.75
N ASP A 66 21.82 0.84 2.67
CA ASP A 66 22.73 0.55 1.56
C ASP A 66 22.04 -0.30 0.49
N PRO A 67 22.01 0.21 -0.75
CA PRO A 67 21.30 -0.45 -1.87
C PRO A 67 21.78 -1.87 -2.14
N ASP A 68 23.08 -2.10 -2.34
CA ASP A 68 23.64 -3.46 -2.37
C ASP A 68 23.01 -4.32 -1.31
N MET A 69 23.24 -3.87 -0.08
CA MET A 69 22.77 -4.55 1.12
C MET A 69 21.26 -4.72 1.12
N ILE A 70 20.54 -3.73 0.58
CA ILE A 70 19.09 -3.85 0.54
C ILE A 70 18.66 -4.86 -0.53
N LYS A 71 19.42 -4.91 -1.61
CA LYS A 71 19.22 -5.91 -2.64
C LYS A 71 19.45 -7.30 -2.08
N THR A 72 20.54 -7.41 -1.32
CA THR A 72 20.93 -8.68 -0.70
C THR A 72 19.76 -9.24 0.09
N VAL A 73 19.00 -8.32 0.69
CA VAL A 73 17.99 -8.64 1.70
C VAL A 73 16.62 -8.95 1.08
N LEU A 74 16.23 -8.14 0.11
CA LEU A 74 14.96 -8.28 -0.60
C LEU A 74 15.06 -9.25 -1.77
N VAL A 75 16.28 -9.49 -2.28
CA VAL A 75 16.47 -10.40 -3.41
C VAL A 75 17.33 -11.59 -3.06
N LYS A 76 18.64 -11.41 -3.14
CA LYS A 76 19.60 -12.51 -3.06
C LYS A 76 19.36 -13.53 -1.96
N GLU A 77 18.77 -13.10 -0.84
CA GLU A 77 18.69 -13.96 0.34
C GLU A 77 17.27 -14.10 0.88
N CYS A 78 16.31 -13.66 0.08
CA CYS A 78 14.89 -13.72 0.42
C CYS A 78 14.44 -15.12 0.86
N TYR A 79 14.63 -16.11 -0.02
CA TYR A 79 14.26 -17.49 0.28
C TYR A 79 14.99 -18.07 1.46
N SER A 80 16.31 -17.97 1.40
CA SER A 80 17.17 -18.57 2.41
C SER A 80 16.92 -18.02 3.81
N VAL A 81 16.85 -16.69 3.94
CA VAL A 81 16.98 -16.06 5.25
C VAL A 81 15.86 -15.11 5.64
N PHE A 82 15.57 -14.24 4.70
CA PHE A 82 14.69 -13.12 4.88
C PHE A 82 13.30 -13.32 4.26
N THR A 83 12.68 -14.47 4.53
CA THR A 83 11.46 -14.78 3.80
C THR A 83 10.20 -14.07 4.27
N ASN A 84 10.15 -13.68 5.55
CA ASN A 84 8.88 -13.26 6.16
C ASN A 84 8.87 -11.87 6.80
N ARG A 85 7.68 -11.34 7.05
CA ARG A 85 7.53 -10.06 7.69
C ARG A 85 7.39 -10.33 9.15
N ARG A 86 7.35 -9.28 9.96
N ARG A 86 7.22 -9.29 9.96
CA ARG A 86 7.34 -9.49 11.40
CA ARG A 86 7.11 -9.50 11.39
C ARG A 86 6.08 -10.25 11.76
C ARG A 86 5.65 -9.72 11.81
N PRO A 87 6.19 -11.24 12.66
N PRO A 87 5.41 -10.51 12.87
CA PRO A 87 5.04 -12.04 13.09
CA PRO A 87 4.04 -10.68 13.32
C PRO A 87 3.84 -11.19 13.46
C PRO A 87 3.57 -9.42 14.05
N PHE A 88 2.82 -11.19 12.60
N PHE A 88 2.28 -9.12 14.03
CA PHE A 88 1.66 -10.36 12.85
CA PHE A 88 1.81 -7.78 14.42
C PHE A 88 0.55 -11.13 13.55
C PHE A 88 0.56 -7.74 15.29
N GLY A 89 -0.15 -10.44 14.45
N GLY A 89 -0.08 -8.89 15.48
CA GLY A 89 -1.25 -11.04 15.18
CA GLY A 89 -1.29 -8.95 16.25
C GLY A 89 -1.99 -9.99 15.98
C GLY A 89 -2.15 -10.09 15.73
N PRO A 90 -3.19 -10.34 16.47
N PRO A 90 -3.16 -10.49 16.52
CA PRO A 90 -3.82 -11.63 16.21
CA PRO A 90 -3.94 -11.70 16.27
C PRO A 90 -4.64 -11.60 14.93
C PRO A 90 -4.69 -11.63 14.95
N VAL A 91 -4.52 -12.61 14.07
CA VAL A 91 -5.16 -12.54 12.78
C VAL A 91 -6.17 -13.65 12.52
N GLY A 92 -6.31 -14.57 13.46
CA GLY A 92 -7.30 -15.63 13.32
C GLY A 92 -7.10 -16.40 12.02
N PHE A 93 -8.19 -16.85 11.41
CA PHE A 93 -8.13 -17.60 10.16
C PHE A 93 -7.38 -16.83 9.05
N MET A 94 -7.18 -15.54 9.26
CA MET A 94 -6.49 -14.70 8.28
C MET A 94 -5.00 -14.99 8.23
N LYS A 95 -4.53 -15.83 9.14
CA LYS A 95 -3.20 -16.42 9.07
C LYS A 95 -2.83 -16.89 7.64
N SER A 96 -3.84 -17.31 6.88
CA SER A 96 -3.59 -17.97 5.61
CA SER A 96 -3.57 -17.97 5.62
C SER A 96 -3.57 -17.03 4.41
N ALA A 97 -3.60 -15.72 4.65
CA ALA A 97 -3.58 -14.82 3.51
C ALA A 97 -2.15 -14.58 3.05
N ILE A 98 -1.97 -14.31 1.76
CA ILE A 98 -0.64 -14.40 1.18
C ILE A 98 0.34 -13.43 1.83
N SER A 99 -0.17 -12.28 2.24
CA SER A 99 0.72 -11.22 2.73
C SER A 99 1.20 -11.55 4.12
N ILE A 100 0.61 -12.57 4.72
CA ILE A 100 0.82 -12.83 6.14
C ILE A 100 1.46 -14.22 6.37
N ALA A 101 1.32 -15.11 5.38
CA ALA A 101 1.84 -16.47 5.53
C ALA A 101 3.36 -16.48 5.49
N GLU A 102 3.92 -17.61 5.92
CA GLU A 102 5.35 -17.73 6.14
C GLU A 102 5.94 -18.88 5.38
N ASP A 103 7.15 -18.67 4.87
CA ASP A 103 7.95 -19.76 4.33
C ASP A 103 7.27 -20.50 3.17
N GLU A 104 7.30 -21.83 3.20
CA GLU A 104 6.81 -22.64 2.09
C GLU A 104 5.36 -22.32 1.72
N GLU A 105 4.53 -22.12 2.74
CA GLU A 105 3.13 -21.70 2.48
C GLU A 105 3.01 -20.42 1.69
N TRP A 106 3.71 -19.37 2.10
CA TRP A 106 3.63 -18.14 1.34
C TRP A 106 4.17 -18.40 -0.05
N LYS A 107 5.29 -19.14 -0.10
CA LYS A 107 5.96 -19.47 -1.34
C LYS A 107 4.95 -20.09 -2.28
N ARG A 108 4.11 -20.94 -1.69
CA ARG A 108 3.02 -21.62 -2.38
C ARG A 108 1.90 -20.68 -2.87
N LEU A 109 1.30 -19.96 -1.95
CA LEU A 109 0.31 -18.92 -2.26
C LEU A 109 0.70 -17.96 -3.34
N ARG A 110 1.95 -17.48 -3.27
CA ARG A 110 2.44 -16.60 -4.30
C ARG A 110 2.20 -17.30 -5.63
N SER A 111 2.53 -18.57 -5.72
CA SER A 111 2.40 -19.25 -7.01
C SER A 111 0.95 -19.40 -7.44
N LEU A 112 0.10 -19.83 -6.54
CA LEU A 112 -1.31 -20.01 -6.85
C LEU A 112 -1.93 -18.71 -7.32
N LEU A 113 -1.47 -17.61 -6.74
CA LEU A 113 -2.06 -16.28 -6.99
C LEU A 113 -1.36 -15.44 -8.04
N SER A 114 -0.08 -15.71 -8.29
CA SER A 114 0.70 -14.92 -9.24
C SER A 114 0.13 -14.80 -10.67
N PRO A 115 -0.38 -15.90 -11.24
CA PRO A 115 -0.89 -15.74 -12.61
C PRO A 115 -1.99 -14.67 -12.69
N THR A 116 -2.77 -14.60 -11.62
CA THR A 116 -3.92 -13.74 -11.55
C THR A 116 -3.56 -12.28 -11.83
N PHE A 117 -2.37 -11.88 -11.36
CA PHE A 117 -1.93 -10.49 -11.45
C PHE A 117 -1.00 -10.25 -12.66
N THR A 118 -1.23 -10.98 -13.74
CA THR A 118 -0.46 -10.80 -14.94
C THR A 118 -0.97 -9.60 -15.71
N SER A 119 -0.07 -8.95 -16.44
CA SER A 119 -0.47 -7.91 -17.37
C SER A 119 -1.61 -8.38 -18.27
N GLY A 120 -1.54 -9.64 -18.68
CA GLY A 120 -2.49 -10.18 -19.64
C GLY A 120 -3.90 -10.39 -19.12
N LYS A 121 -4.01 -10.89 -17.89
CA LYS A 121 -5.29 -10.96 -17.16
C LYS A 121 -5.76 -9.56 -16.83
N LEU A 122 -4.78 -8.70 -16.58
CA LEU A 122 -5.02 -7.31 -16.22
C LEU A 122 -5.70 -6.56 -17.34
N LYS A 123 -5.23 -6.81 -18.56
CA LYS A 123 -5.81 -6.17 -19.73
C LYS A 123 -7.28 -6.54 -19.92
N GLU A 124 -7.66 -7.75 -19.51
CA GLU A 124 -9.06 -8.14 -19.61
C GLU A 124 -9.90 -7.42 -18.55
N MET A 125 -9.23 -7.02 -17.47
CA MET A 125 -9.89 -6.31 -16.37
C MET A 125 -10.15 -4.84 -16.69
N VAL A 126 -9.54 -4.34 -17.76
CA VAL A 126 -9.61 -2.90 -18.09
C VAL A 126 -11.04 -2.35 -18.32
N PRO A 127 -11.83 -2.96 -19.23
CA PRO A 127 -13.13 -2.35 -19.52
C PRO A 127 -14.12 -2.31 -18.35
N ILE A 128 -13.93 -3.19 -17.37
CA ILE A 128 -14.77 -3.17 -16.18
C ILE A 128 -14.35 -1.97 -15.33
N ILE A 129 -13.04 -1.78 -15.19
CA ILE A 129 -12.48 -0.64 -14.48
C ILE A 129 -12.87 0.66 -15.19
N ALA A 130 -13.18 0.54 -16.48
CA ALA A 130 -13.63 1.67 -17.25
C ALA A 130 -15.00 2.15 -16.79
N GLN A 131 -15.94 1.23 -16.67
CA GLN A 131 -17.34 1.58 -16.48
C GLN A 131 -17.57 2.41 -15.21
N TYR A 132 -16.87 2.08 -14.13
CA TYR A 132 -17.02 2.84 -12.88
C TYR A 132 -16.28 4.15 -12.92
N GLY A 133 -15.44 4.32 -13.94
CA GLY A 133 -14.88 5.63 -14.23
C GLY A 133 -16.01 6.56 -14.58
N ASP A 134 -16.98 6.07 -15.34
CA ASP A 134 -18.14 6.86 -15.72
C ASP A 134 -18.94 7.26 -14.49
N VAL A 135 -19.09 6.33 -13.55
CA VAL A 135 -19.79 6.61 -12.31
C VAL A 135 -19.07 7.72 -11.55
N LEU A 136 -17.76 7.56 -11.39
CA LEU A 136 -16.95 8.53 -10.67
C LEU A 136 -17.15 9.93 -11.21
N VAL A 137 -17.11 10.04 -12.54
CA VAL A 137 -17.29 11.31 -13.21
C VAL A 137 -18.65 11.91 -12.93
N ARG A 138 -19.70 11.12 -13.17
CA ARG A 138 -21.08 11.60 -13.00
C ARG A 138 -21.36 12.06 -11.57
N ASN A 139 -20.87 11.30 -10.61
CA ASN A 139 -21.01 11.69 -9.21
C ASN A 139 -20.31 13.02 -8.93
N LEU A 140 -19.11 13.17 -9.50
CA LEU A 140 -18.30 14.39 -9.33
C LEU A 140 -19.04 15.62 -9.86
N ARG A 141 -19.49 15.55 -11.11
CA ARG A 141 -20.19 16.65 -11.76
C ARG A 141 -21.38 17.17 -10.96
N ARG A 142 -22.00 16.29 -10.18
CA ARG A 142 -23.08 16.70 -9.30
C ARG A 142 -22.59 17.66 -8.23
N GLU A 143 -21.37 17.44 -7.75
CA GLU A 143 -20.77 18.34 -6.78
C GLU A 143 -20.09 19.52 -7.44
N ALA A 144 -19.70 19.33 -8.70
CA ALA A 144 -19.06 20.39 -9.46
C ALA A 144 -20.06 21.50 -9.78
N GLU A 145 -21.28 21.09 -10.13
CA GLU A 145 -22.35 22.01 -10.50
C GLU A 145 -23.03 22.60 -9.27
N THR A 146 -22.74 22.00 -8.13
CA THR A 146 -23.07 22.60 -6.84
C THR A 146 -21.76 23.02 -6.20
N GLY A 147 -21.24 24.17 -6.63
CA GLY A 147 -19.91 24.66 -6.28
C GLY A 147 -19.49 24.53 -4.83
N LYS A 148 -19.44 23.29 -4.36
CA LYS A 148 -19.14 22.97 -2.98
C LYS A 148 -17.88 22.11 -2.92
N PRO A 149 -16.80 22.66 -2.32
CA PRO A 149 -15.50 21.97 -2.11
C PRO A 149 -15.67 20.50 -1.76
N VAL A 150 -14.75 19.67 -2.25
CA VAL A 150 -14.97 18.24 -2.22
C VAL A 150 -13.86 17.49 -1.48
N THR A 151 -14.28 16.73 -0.48
CA THR A 151 -13.39 15.83 0.21
C THR A 151 -13.11 14.64 -0.70
N LEU A 152 -11.85 14.37 -0.97
CA LEU A 152 -11.49 13.40 -1.99
C LEU A 152 -11.65 11.96 -1.57
N LYS A 153 -11.08 11.62 -0.42
CA LYS A 153 -10.99 10.22 0.00
C LYS A 153 -12.37 9.59 0.11
N ASP A 154 -13.40 10.43 0.11
CA ASP A 154 -14.76 9.97 -0.07
C ASP A 154 -15.05 9.51 -1.50
N VAL A 155 -15.05 10.45 -2.43
CA VAL A 155 -15.38 10.19 -3.81
C VAL A 155 -14.37 9.21 -4.44
N PHE A 156 -13.11 9.28 -4.01
CA PHE A 156 -12.10 8.33 -4.50
C PHE A 156 -12.28 6.96 -3.84
N GLY A 157 -12.59 6.95 -2.55
CA GLY A 157 -12.89 5.71 -1.85
C GLY A 157 -14.07 5.03 -2.52
N ALA A 158 -15.18 5.76 -2.62
CA ALA A 158 -16.37 5.29 -3.32
C ALA A 158 -16.03 4.69 -4.70
N TYR A 159 -15.08 5.31 -5.39
CA TYR A 159 -14.60 4.74 -6.63
C TYR A 159 -13.76 3.50 -6.36
N SER A 160 -12.83 3.62 -5.43
CA SER A 160 -11.91 2.54 -5.11
C SER A 160 -12.69 1.29 -4.70
N MET A 161 -13.82 1.51 -4.03
CA MET A 161 -14.72 0.44 -3.61
C MET A 161 -15.37 -0.25 -4.81
N ASP A 162 -16.06 0.55 -5.63
CA ASP A 162 -16.71 0.05 -6.83
C ASP A 162 -15.79 -0.85 -7.64
N VAL A 163 -14.53 -0.44 -7.73
CA VAL A 163 -13.55 -1.19 -8.51
C VAL A 163 -13.33 -2.56 -7.90
N ILE A 164 -12.91 -2.58 -6.64
CA ILE A 164 -12.71 -3.82 -5.91
C ILE A 164 -13.89 -4.76 -6.03
N THR A 165 -15.04 -4.33 -5.51
CA THR A 165 -16.27 -5.11 -5.55
C THR A 165 -16.45 -5.75 -6.92
N SER A 166 -16.25 -4.96 -7.97
CA SER A 166 -16.48 -5.45 -9.33
C SER A 166 -15.33 -6.32 -9.83
N THR A 167 -14.11 -5.82 -9.67
CA THR A 167 -12.95 -6.52 -10.21
C THR A 167 -12.64 -7.83 -9.50
N SER A 168 -13.24 -8.04 -8.33
CA SER A 168 -12.94 -9.25 -7.57
C SER A 168 -14.13 -10.19 -7.35
N PHE A 169 -15.35 -9.70 -7.53
CA PHE A 169 -16.55 -10.54 -7.35
C PHE A 169 -17.65 -10.22 -8.34
N GLY A 170 -17.45 -9.20 -9.15
CA GLY A 170 -18.45 -8.79 -10.13
C GLY A 170 -19.57 -7.98 -9.53
N VAL A 171 -19.46 -7.72 -8.22
CA VAL A 171 -20.47 -6.94 -7.51
C VAL A 171 -20.47 -5.50 -8.04
N ASN A 172 -21.65 -5.05 -8.44
CA ASN A 172 -21.76 -3.82 -9.22
C ASN A 172 -22.52 -2.71 -8.53
N ILE A 173 -21.84 -2.00 -7.64
CA ILE A 173 -22.48 -1.02 -6.80
C ILE A 173 -22.05 0.41 -7.16
N ASP A 174 -23.01 1.33 -7.11
CA ASP A 174 -22.71 2.73 -6.95
C ASP A 174 -22.64 2.95 -5.44
N SER A 175 -21.47 2.67 -4.87
CA SER A 175 -21.30 2.69 -3.42
CA SER A 175 -21.30 2.69 -3.42
C SER A 175 -21.45 4.08 -2.83
N LEU A 176 -21.16 5.11 -3.62
CA LEU A 176 -21.32 6.48 -3.14
C LEU A 176 -22.79 6.81 -2.90
N ASN A 177 -23.65 6.16 -3.69
CA ASN A 177 -25.08 6.37 -3.57
C ASN A 177 -25.77 5.23 -2.81
N ASN A 178 -25.05 4.13 -2.62
CA ASN A 178 -25.55 3.03 -1.80
C ASN A 178 -24.60 2.56 -0.70
N PRO A 179 -24.19 3.45 0.22
CA PRO A 179 -23.46 2.93 1.38
C PRO A 179 -24.39 2.12 2.32
N GLN A 180 -25.63 1.92 1.88
CA GLN A 180 -26.64 1.15 2.61
C GLN A 180 -26.48 -0.34 2.37
N ASP A 181 -25.94 -0.69 1.21
CA ASP A 181 -25.76 -2.07 0.81
C ASP A 181 -24.82 -2.81 1.77
N PRO A 182 -25.35 -3.84 2.45
CA PRO A 182 -24.64 -4.66 3.46
C PRO A 182 -23.23 -5.04 3.01
N PHE A 183 -23.08 -5.24 1.70
CA PHE A 183 -21.78 -5.56 1.15
C PHE A 183 -20.80 -4.42 1.38
N VAL A 184 -21.15 -3.25 0.86
CA VAL A 184 -20.32 -2.05 0.99
C VAL A 184 -19.93 -1.77 2.44
N GLU A 185 -20.89 -1.96 3.35
CA GLU A 185 -20.65 -1.72 4.77
C GLU A 185 -19.47 -2.55 5.28
N ASN A 186 -19.65 -3.87 5.31
CA ASN A 186 -18.60 -4.81 5.69
C ASN A 186 -17.25 -4.46 5.14
N THR A 187 -17.23 -4.19 3.85
CA THR A 187 -16.01 -3.97 3.11
C THR A 187 -15.25 -2.76 3.61
N LYS A 188 -15.97 -1.75 4.10
CA LYS A 188 -15.34 -0.52 4.55
C LYS A 188 -14.57 -0.71 5.85
N LYS A 189 -15.11 -1.53 6.75
CA LYS A 189 -14.53 -1.76 8.07
C LYS A 189 -13.13 -2.33 8.02
N LEU A 190 -12.70 -2.66 6.81
CA LEU A 190 -11.35 -3.12 6.57
C LEU A 190 -10.47 -1.91 6.24
N LEU A 191 -9.97 -1.24 7.27
CA LEU A 191 -9.19 -0.02 7.10
C LEU A 191 -7.74 -0.18 7.53
N ARG A 192 -6.86 0.65 6.97
CA ARG A 192 -5.43 0.63 7.30
C ARG A 192 -5.23 0.66 8.80
N PHE A 193 -4.58 -0.38 9.31
CA PHE A 193 -4.37 -0.49 10.74
C PHE A 193 -3.51 0.67 11.21
N ASP A 194 -4.04 1.43 12.16
CA ASP A 194 -3.25 2.44 12.82
C ASP A 194 -2.26 1.73 13.75
N PHE A 195 -1.05 1.51 13.25
CA PHE A 195 -0.04 0.77 14.03
C PHE A 195 0.44 1.60 15.23
N LEU A 196 0.02 2.86 15.30
CA LEU A 196 0.35 3.73 16.42
C LEU A 196 -0.89 4.11 17.25
N ASP A 197 -1.98 3.36 17.09
CA ASP A 197 -3.17 3.55 17.92
C ASP A 197 -2.95 2.83 19.26
N PRO A 198 -3.92 2.89 20.21
CA PRO A 198 -3.69 2.20 21.48
C PRO A 198 -3.33 0.72 21.36
N PHE A 199 -3.86 0.05 20.34
CA PHE A 199 -3.73 -1.39 20.26
C PHE A 199 -2.29 -1.87 20.02
N PHE A 200 -1.69 -1.44 18.92
CA PHE A 200 -0.52 -2.14 18.41
C PHE A 200 0.74 -1.80 19.18
N LEU A 201 0.77 -0.60 19.75
CA LEU A 201 1.81 -0.25 20.69
C LEU A 201 1.78 -1.23 21.85
N SER A 202 0.59 -1.48 22.38
CA SER A 202 0.42 -2.49 23.41
C SER A 202 0.82 -3.87 22.88
N ILE A 203 0.61 -4.09 21.58
CA ILE A 203 0.97 -5.36 20.96
C ILE A 203 2.48 -5.51 20.94
N THR A 204 3.14 -4.39 21.10
CA THR A 204 4.58 -4.36 20.92
C THR A 204 5.31 -4.23 22.24
N VAL A 205 4.66 -3.65 23.22
CA VAL A 205 5.15 -3.82 24.57
C VAL A 205 4.71 -5.19 25.06
N PHE A 206 3.55 -5.66 24.60
CA PHE A 206 3.05 -6.97 25.03
C PHE A 206 2.72 -7.95 23.89
N PRO A 207 3.72 -8.31 23.06
CA PRO A 207 3.50 -9.29 21.98
C PRO A 207 3.20 -10.69 22.47
N PHE A 208 3.50 -10.94 23.73
CA PHE A 208 3.26 -12.21 24.37
C PHE A 208 1.78 -12.37 24.57
N LEU A 209 1.04 -11.39 24.09
CA LEU A 209 -0.40 -11.39 24.21
C LEU A 209 -1.01 -11.73 22.87
N ILE A 210 -0.20 -11.79 21.83
CA ILE A 210 -0.73 -12.21 20.55
C ILE A 210 -1.34 -13.63 20.64
N PRO A 211 -0.58 -14.63 21.15
CA PRO A 211 -1.20 -15.97 21.29
C PRO A 211 -2.39 -15.94 22.22
N ILE A 212 -2.34 -14.97 23.11
CA ILE A 212 -3.42 -14.79 24.06
C ILE A 212 -4.68 -14.50 23.30
N LEU A 213 -4.57 -13.62 22.33
CA LEU A 213 -5.75 -13.17 21.64
C LEU A 213 -6.16 -14.16 20.56
N GLU A 214 -5.18 -14.93 20.08
CA GLU A 214 -5.48 -15.96 19.11
C GLU A 214 -6.45 -16.98 19.71
N VAL A 215 -6.03 -17.66 20.76
CA VAL A 215 -6.89 -18.65 21.41
C VAL A 215 -8.27 -18.04 21.79
N LEU A 216 -8.32 -16.73 22.00
CA LEU A 216 -9.61 -16.05 22.24
C LEU A 216 -10.38 -15.70 20.97
N ASN A 217 -10.05 -16.35 19.84
CA ASN A 217 -10.63 -16.03 18.52
C ASN A 217 -10.94 -14.53 18.42
N ILE A 218 -10.00 -13.72 18.90
CA ILE A 218 -10.07 -12.29 18.70
C ILE A 218 -9.31 -12.07 17.39
N CYS A 219 -9.78 -11.13 16.58
CA CYS A 219 -9.24 -10.96 15.23
CA CYS A 219 -9.23 -10.96 15.24
C CYS A 219 -9.18 -9.48 14.84
N VAL A 220 -8.03 -9.06 14.29
CA VAL A 220 -7.85 -7.67 13.82
C VAL A 220 -8.70 -7.42 12.58
N PHE A 221 -9.13 -8.50 11.96
CA PHE A 221 -10.14 -8.44 10.92
C PHE A 221 -11.47 -8.74 11.55
N PRO A 222 -12.27 -7.68 11.77
CA PRO A 222 -13.56 -7.71 12.45
C PRO A 222 -14.24 -9.03 12.19
N ARG A 223 -14.47 -9.80 13.25
CA ARG A 223 -14.97 -11.17 13.11
C ARG A 223 -16.27 -11.21 12.33
N GLU A 224 -16.96 -10.07 12.25
CA GLU A 224 -18.21 -9.96 11.51
C GLU A 224 -18.02 -9.70 10.01
N VAL A 225 -17.11 -8.79 9.65
CA VAL A 225 -16.78 -8.55 8.24
C VAL A 225 -16.38 -9.87 7.60
N THR A 226 -15.49 -10.59 8.28
CA THR A 226 -14.97 -11.87 7.82
C THR A 226 -16.00 -12.99 7.80
N ASN A 227 -16.78 -13.11 8.87
CA ASN A 227 -17.85 -14.10 8.89
C ASN A 227 -18.88 -13.79 7.82
N PHE A 228 -18.95 -12.53 7.40
CA PHE A 228 -19.80 -12.10 6.30
C PHE A 228 -19.25 -12.58 4.97
N LEU A 229 -18.06 -12.12 4.64
CA LEU A 229 -17.43 -12.45 3.36
C LEU A 229 -17.29 -13.95 3.17
N ARG A 230 -16.81 -14.62 4.23
CA ARG A 230 -16.64 -16.08 4.26
C ARG A 230 -17.87 -16.79 3.70
N LYS A 231 -19.01 -16.52 4.31
CA LYS A 231 -20.24 -17.10 3.82
C LYS A 231 -20.71 -16.37 2.56
N SER A 232 -20.36 -15.09 2.43
CA SER A 232 -20.71 -14.35 1.19
C SER A 232 -20.05 -15.02 0.00
N VAL A 233 -18.74 -15.25 0.11
CA VAL A 233 -17.98 -15.93 -0.92
C VAL A 233 -18.51 -17.33 -1.15
N LYS A 234 -18.93 -17.98 -0.07
CA LYS A 234 -19.41 -19.35 -0.18
C LYS A 234 -20.69 -19.41 -1.00
N ARG A 235 -21.45 -18.32 -1.03
CA ARG A 235 -22.67 -18.26 -1.84
C ARG A 235 -22.33 -18.04 -3.32
N MET A 236 -21.31 -17.22 -3.57
CA MET A 236 -20.88 -16.92 -4.93
C MET A 236 -20.26 -18.14 -5.61
N LYS A 237 -19.36 -18.79 -4.89
CA LYS A 237 -18.74 -20.02 -5.36
C LYS A 237 -19.78 -21.06 -5.78
N GLU A 238 -20.91 -21.08 -5.08
CA GLU A 238 -21.94 -22.08 -5.35
C GLU A 238 -23.05 -21.54 -6.23
N SER A 239 -22.92 -20.32 -6.73
CA SER A 239 -23.87 -19.79 -7.71
C SER A 239 -23.22 -19.70 -9.08
N ARG A 240 -21.91 -19.45 -9.11
CA ARG A 240 -21.14 -19.49 -10.35
C ARG A 240 -21.01 -20.93 -10.81
N LEU A 241 -20.64 -21.78 -9.85
CA LEU A 241 -20.44 -23.20 -10.05
C LEU A 241 -21.71 -23.93 -9.63
N GLU A 242 -22.55 -24.30 -10.60
CA GLU A 242 -22.32 -24.01 -12.02
C GLU A 242 -23.47 -23.27 -12.69
N ASP A 243 -23.13 -22.18 -13.36
CA ASP A 243 -24.09 -21.39 -14.13
C ASP A 243 -23.36 -20.58 -15.19
N VAL A 249 -14.15 -13.72 -15.17
CA VAL A 249 -13.18 -12.71 -15.57
C VAL A 249 -12.52 -12.05 -14.34
N ASP A 250 -13.24 -12.03 -13.21
CA ASP A 250 -12.75 -11.39 -11.99
C ASP A 250 -11.83 -12.29 -11.14
N PHE A 251 -11.23 -11.68 -10.11
CA PHE A 251 -10.26 -12.33 -9.23
C PHE A 251 -10.72 -13.66 -8.65
N LEU A 252 -11.97 -13.69 -8.18
CA LEU A 252 -12.56 -14.89 -7.62
C LEU A 252 -12.58 -16.02 -8.64
N GLN A 253 -12.91 -15.68 -9.88
CA GLN A 253 -12.98 -16.67 -10.95
C GLN A 253 -11.59 -17.27 -11.13
N LEU A 254 -10.62 -16.39 -11.34
CA LEU A 254 -9.23 -16.78 -11.51
C LEU A 254 -8.76 -17.66 -10.35
N MET A 255 -9.13 -17.28 -9.14
CA MET A 255 -8.76 -18.06 -7.96
C MET A 255 -9.54 -19.36 -7.86
N ILE A 256 -10.83 -19.32 -8.23
CA ILE A 256 -11.64 -20.53 -8.27
C ILE A 256 -11.09 -21.49 -9.33
N ASP A 257 -10.71 -20.93 -10.48
CA ASP A 257 -10.10 -21.69 -11.54
C ASP A 257 -8.82 -22.39 -11.06
N SER A 258 -8.06 -21.68 -10.24
CA SER A 258 -6.78 -22.19 -9.75
C SER A 258 -6.97 -23.45 -8.91
N GLN A 259 -7.89 -23.38 -7.95
CA GLN A 259 -8.13 -24.49 -7.03
C GLN A 259 -8.74 -25.67 -7.77
N ASN A 260 -9.16 -25.43 -9.01
CA ASN A 260 -9.52 -26.50 -9.92
C ASN A 260 -8.25 -27.05 -10.55
N SER A 261 -7.53 -27.84 -9.77
CA SER A 261 -6.27 -28.44 -10.21
C SER A 261 -6.45 -29.33 -11.42
N LYS A 268 -2.32 -29.09 -2.90
CA LYS A 268 -1.45 -28.10 -3.52
C LYS A 268 -2.28 -26.98 -4.12
N ALA A 269 -3.46 -27.32 -4.62
CA ALA A 269 -4.40 -26.31 -5.12
C ALA A 269 -5.01 -25.54 -3.95
N LEU A 270 -5.46 -24.31 -4.20
CA LEU A 270 -5.98 -23.44 -3.14
C LEU A 270 -7.20 -24.03 -2.44
N SER A 271 -7.38 -23.72 -1.16
CA SER A 271 -8.53 -24.22 -0.42
C SER A 271 -9.71 -23.27 -0.49
N ASP A 272 -10.68 -23.47 0.39
CA ASP A 272 -11.88 -22.65 0.41
C ASP A 272 -11.75 -21.50 1.40
N LEU A 273 -11.35 -21.80 2.62
CA LEU A 273 -11.13 -20.75 3.59
C LEU A 273 -9.97 -19.88 3.12
N GLU A 274 -8.97 -20.54 2.54
CA GLU A 274 -7.79 -19.85 2.02
C GLU A 274 -8.19 -18.87 0.95
N LEU A 275 -9.01 -19.32 0.03
CA LEU A 275 -9.50 -18.48 -1.05
C LEU A 275 -10.19 -17.21 -0.54
N VAL A 276 -10.94 -17.34 0.55
CA VAL A 276 -11.69 -16.22 1.13
C VAL A 276 -10.74 -15.16 1.71
N ALA A 277 -9.76 -15.63 2.45
CA ALA A 277 -8.79 -14.75 3.08
C ALA A 277 -7.91 -14.01 2.06
N GLN A 278 -7.70 -14.62 0.90
CA GLN A 278 -7.04 -13.90 -0.17
C GLN A 278 -7.92 -12.77 -0.67
N SER A 279 -9.17 -13.10 -0.95
CA SER A 279 -10.12 -12.10 -1.42
C SER A 279 -10.09 -10.93 -0.46
N ILE A 280 -10.18 -11.23 0.84
CA ILE A 280 -10.24 -10.18 1.84
C ILE A 280 -9.01 -9.26 1.74
N ILE A 281 -7.82 -9.82 1.51
CA ILE A 281 -6.61 -9.02 1.29
C ILE A 281 -6.77 -8.09 0.11
N PHE A 282 -7.16 -8.68 -1.01
CA PHE A 282 -7.25 -7.92 -2.25
C PHE A 282 -8.20 -6.77 -2.01
N ILE A 283 -9.30 -7.08 -1.33
CA ILE A 283 -10.30 -6.08 -1.01
C ILE A 283 -9.70 -4.94 -0.21
N PHE A 284 -8.97 -5.23 0.87
CA PHE A 284 -8.39 -4.09 1.56
C PHE A 284 -7.49 -3.30 0.64
N ALA A 285 -6.44 -3.98 0.20
CA ALA A 285 -5.34 -3.37 -0.55
C ALA A 285 -5.84 -2.32 -1.53
N GLY A 286 -6.65 -2.73 -2.48
CA GLY A 286 -7.16 -1.81 -3.49
C GLY A 286 -8.10 -0.73 -2.98
N TYR A 287 -8.40 -0.72 -1.68
CA TYR A 287 -9.32 0.26 -1.12
C TYR A 287 -8.64 1.49 -0.56
N GLU A 288 -8.10 1.38 0.66
CA GLU A 288 -7.65 2.58 1.32
C GLU A 288 -6.27 2.93 0.80
N THR A 289 -5.69 2.05 -0.01
CA THR A 289 -4.40 2.40 -0.62
C THR A 289 -4.65 3.19 -1.90
N THR A 290 -5.41 2.60 -2.82
CA THR A 290 -5.77 3.28 -4.06
C THR A 290 -6.40 4.64 -3.76
N SER A 291 -7.30 4.65 -2.79
CA SER A 291 -7.96 5.86 -2.35
C SER A 291 -6.96 6.89 -1.84
N SER A 292 -6.08 6.48 -0.94
CA SER A 292 -5.14 7.42 -0.30
C SER A 292 -4.19 8.05 -1.31
N VAL A 293 -3.70 7.21 -2.22
CA VAL A 293 -2.71 7.64 -3.18
C VAL A 293 -3.28 8.71 -4.12
N LEU A 294 -4.44 8.44 -4.72
CA LEU A 294 -5.13 9.42 -5.55
C LEU A 294 -5.36 10.73 -4.82
N SER A 295 -5.68 10.64 -3.53
CA SER A 295 -5.88 11.84 -2.74
C SER A 295 -4.62 12.67 -2.74
N PHE A 296 -3.47 11.99 -2.56
CA PHE A 296 -2.18 12.66 -2.50
C PHE A 296 -1.92 13.32 -3.85
N ILE A 297 -2.14 12.56 -4.93
CA ILE A 297 -1.93 13.03 -6.30
C ILE A 297 -2.77 14.24 -6.66
N MET A 298 -4.05 14.22 -6.30
CA MET A 298 -4.83 15.43 -6.58
C MET A 298 -4.35 16.54 -5.68
N TYR A 299 -3.84 16.23 -4.49
CA TYR A 299 -3.33 17.32 -3.66
C TYR A 299 -2.17 18.01 -4.35
N GLU A 300 -1.33 17.22 -4.99
CA GLU A 300 -0.16 17.72 -5.71
C GLU A 300 -0.61 18.40 -6.97
N LEU A 301 -1.37 17.67 -7.79
CA LEU A 301 -1.93 18.24 -9.01
C LEU A 301 -2.60 19.57 -8.73
N ALA A 302 -3.20 19.68 -7.55
CA ALA A 302 -3.88 20.93 -7.18
C ALA A 302 -2.92 22.06 -6.79
N THR A 303 -1.97 21.75 -5.91
CA THR A 303 -0.94 22.71 -5.51
C THR A 303 0.18 22.87 -6.54
N HIS A 304 -0.06 22.39 -7.76
CA HIS A 304 0.91 22.54 -8.85
C HIS A 304 0.22 22.62 -10.22
N PRO A 305 -0.45 23.75 -10.51
CA PRO A 305 -1.29 23.97 -11.70
C PRO A 305 -0.65 23.57 -13.05
N ASP A 306 0.62 23.94 -13.27
CA ASP A 306 1.34 23.59 -14.50
C ASP A 306 1.44 22.09 -14.80
N VAL A 307 1.79 21.31 -13.78
CA VAL A 307 1.83 19.86 -13.87
C VAL A 307 0.46 19.29 -14.22
N GLN A 308 -0.58 19.84 -13.58
CA GLN A 308 -1.94 19.48 -13.93
C GLN A 308 -2.19 19.73 -15.42
N GLN A 309 -1.79 20.89 -15.91
CA GLN A 309 -2.08 21.22 -17.30
C GLN A 309 -1.33 20.33 -18.30
N LYS A 310 -0.05 20.07 -18.04
CA LYS A 310 0.76 19.30 -18.99
C LYS A 310 0.14 17.93 -19.12
N LEU A 311 -0.34 17.44 -17.99
CA LEU A 311 -1.02 16.16 -17.92
C LEU A 311 -2.24 16.10 -18.84
N GLN A 312 -3.14 17.07 -18.69
CA GLN A 312 -4.37 17.09 -19.47
C GLN A 312 -4.03 17.29 -20.93
N GLU A 313 -2.78 17.66 -21.21
CA GLU A 313 -2.36 17.85 -22.60
C GLU A 313 -1.93 16.50 -23.20
N GLU A 314 -1.35 15.65 -22.36
CA GLU A 314 -0.94 14.33 -22.83
C GLU A 314 -2.18 13.53 -23.18
N ILE A 315 -3.11 13.55 -22.24
CA ILE A 315 -4.38 12.81 -22.31
C ILE A 315 -5.24 13.22 -23.51
N ASP A 316 -4.97 14.40 -24.04
CA ASP A 316 -5.77 14.84 -25.16
C ASP A 316 -5.08 14.54 -26.48
N ALA A 317 -3.78 14.25 -26.43
CA ALA A 317 -3.01 14.03 -27.64
C ALA A 317 -2.88 12.55 -27.96
N VAL A 318 -2.89 11.75 -26.91
CA VAL A 318 -2.86 10.32 -27.04
C VAL A 318 -4.30 9.84 -27.13
N LEU A 319 -5.19 10.58 -26.47
CA LEU A 319 -6.61 10.29 -26.53
C LEU A 319 -7.41 11.55 -26.89
N PRO A 320 -7.46 11.88 -28.18
CA PRO A 320 -8.19 13.07 -28.61
C PRO A 320 -9.68 12.99 -28.33
N ASN A 321 -10.34 14.14 -28.25
CA ASN A 321 -11.79 14.20 -28.08
C ASN A 321 -12.32 13.46 -26.85
N LYS A 322 -11.62 13.59 -25.72
CA LYS A 322 -11.94 12.84 -24.50
C LYS A 322 -12.11 11.36 -24.80
N ALA A 323 -11.20 10.81 -25.60
CA ALA A 323 -11.29 9.40 -26.03
C ALA A 323 -11.12 8.46 -24.86
N PRO A 324 -11.92 7.38 -24.85
CA PRO A 324 -11.87 6.40 -23.77
C PRO A 324 -10.50 5.72 -23.75
N PRO A 325 -9.90 5.62 -22.55
CA PRO A 325 -8.59 4.98 -22.45
C PRO A 325 -8.69 3.49 -22.70
N THR A 326 -7.71 2.95 -23.40
CA THR A 326 -7.55 1.52 -23.45
C THR A 326 -6.35 1.17 -22.57
N TYR A 327 -6.16 -0.11 -22.34
CA TYR A 327 -4.95 -0.61 -21.70
C TYR A 327 -3.74 0.05 -22.36
N ASP A 328 -3.65 -0.10 -23.67
CA ASP A 328 -2.47 0.29 -24.42
C ASP A 328 -2.17 1.78 -24.36
N THR A 329 -3.19 2.60 -24.53
CA THR A 329 -2.99 4.05 -24.52
C THR A 329 -2.54 4.56 -23.15
N VAL A 330 -2.88 3.82 -22.10
CA VAL A 330 -2.48 4.22 -20.74
C VAL A 330 -0.98 4.24 -20.60
N LEU A 331 -0.35 3.11 -20.91
CA LEU A 331 1.10 3.01 -20.88
C LEU A 331 1.76 3.87 -21.96
N GLN A 332 0.99 4.42 -22.89
CA GLN A 332 1.56 5.29 -23.90
C GLN A 332 1.81 6.66 -23.27
N MET A 333 1.37 6.82 -22.04
CA MET A 333 1.43 8.10 -21.36
C MET A 333 2.55 8.13 -20.35
N GLU A 334 3.62 8.86 -20.65
CA GLU A 334 4.84 8.85 -19.83
C GLU A 334 4.82 9.85 -18.68
N TYR A 335 4.56 11.11 -19.02
CA TYR A 335 4.38 12.13 -17.99
C TYR A 335 3.45 11.69 -16.88
N LEU A 336 2.25 11.26 -17.27
CA LEU A 336 1.32 10.66 -16.33
C LEU A 336 2.01 9.66 -15.41
N ASP A 337 2.86 8.83 -15.98
CA ASP A 337 3.53 7.82 -15.16
C ASP A 337 4.48 8.54 -14.21
N MET A 338 5.15 9.54 -14.74
CA MET A 338 6.12 10.30 -13.95
C MET A 338 5.46 10.86 -12.73
N VAL A 339 4.34 11.55 -12.96
CA VAL A 339 3.59 12.14 -11.87
C VAL A 339 3.27 11.09 -10.83
N VAL A 340 2.79 9.95 -11.30
CA VAL A 340 2.45 8.89 -10.37
C VAL A 340 3.69 8.56 -9.56
N ASN A 341 4.75 8.11 -10.23
CA ASN A 341 5.98 7.78 -9.54
C ASN A 341 6.42 8.85 -8.53
N GLU A 342 6.51 10.09 -9.00
CA GLU A 342 6.92 11.17 -8.13
C GLU A 342 6.04 11.26 -6.89
N THR A 343 4.73 11.14 -7.07
CA THR A 343 3.84 11.16 -5.91
C THR A 343 4.19 10.01 -4.98
N LEU A 344 4.41 8.82 -5.54
CA LEU A 344 4.74 7.68 -4.69
C LEU A 344 6.06 7.87 -3.94
N ARG A 345 7.04 8.56 -4.55
CA ARG A 345 8.24 8.98 -3.81
C ARG A 345 7.93 9.80 -2.58
N LEU A 346 7.12 10.82 -2.76
CA LEU A 346 6.78 11.71 -1.66
C LEU A 346 5.95 10.99 -0.62
N PHE A 347 5.08 10.07 -1.07
CA PHE A 347 4.17 9.41 -0.14
C PHE A 347 4.17 7.92 -0.29
N PRO A 348 5.26 7.26 0.11
CA PRO A 348 5.26 5.80 0.01
C PRO A 348 4.40 5.18 1.08
N ILE A 349 3.14 4.83 0.80
CA ILE A 349 2.18 4.59 1.88
C ILE A 349 2.52 3.41 2.78
N ALA A 350 3.50 2.61 2.39
CA ALA A 350 4.00 1.57 3.30
C ALA A 350 4.95 2.13 4.35
N MET A 351 5.67 3.20 3.99
CA MET A 351 6.61 3.90 4.87
C MET A 351 7.87 3.04 5.00
N ARG A 352 7.69 1.79 5.43
CA ARG A 352 8.79 0.85 5.69
C ARG A 352 8.59 -0.50 5.04
N LEU A 353 9.68 -1.12 4.60
CA LEU A 353 9.68 -2.58 4.30
C LEU A 353 10.38 -3.29 5.45
N GLU A 354 9.99 -4.53 5.73
CA GLU A 354 10.59 -5.32 6.83
C GLU A 354 10.74 -6.77 6.45
N ARG A 355 11.74 -7.46 7.01
CA ARG A 355 11.91 -8.90 6.83
C ARG A 355 12.59 -9.48 8.07
N VAL A 356 12.11 -10.62 8.55
CA VAL A 356 12.66 -11.26 9.71
C VAL A 356 13.83 -12.14 9.32
N CYS A 357 14.91 -11.96 10.07
CA CYS A 357 16.15 -12.67 9.80
C CYS A 357 16.03 -14.06 10.42
N LYS A 358 15.78 -15.08 9.60
CA LYS A 358 15.42 -16.40 10.17
C LYS A 358 16.62 -17.25 10.56
N LYS A 359 17.83 -16.80 10.20
CA LYS A 359 19.11 -17.47 10.55
C LYS A 359 20.21 -16.44 10.78
N ASP A 360 21.23 -16.79 11.56
CA ASP A 360 22.47 -16.02 11.59
C ASP A 360 23.05 -15.88 10.19
N VAL A 361 23.31 -14.66 9.72
CA VAL A 361 23.92 -14.45 8.41
CA VAL A 361 23.89 -14.43 8.39
C VAL A 361 24.85 -13.24 8.35
N GLU A 362 25.82 -13.31 7.44
CA GLU A 362 26.67 -12.19 7.14
C GLU A 362 26.21 -11.68 5.77
N ILE A 363 25.89 -10.40 5.69
CA ILE A 363 25.62 -9.81 4.38
C ILE A 363 26.43 -8.53 4.19
N ASN A 364 27.06 -8.41 3.02
CA ASN A 364 27.91 -7.27 2.69
C ASN A 364 28.81 -6.91 3.86
N GLY A 365 29.47 -7.93 4.41
CA GLY A 365 30.40 -7.77 5.50
C GLY A 365 29.77 -7.27 6.78
N MET A 366 28.58 -7.75 7.11
CA MET A 366 27.94 -7.42 8.38
C MET A 366 27.21 -8.60 9.02
N PHE A 367 27.53 -8.88 10.29
CA PHE A 367 26.87 -9.95 11.00
C PHE A 367 25.49 -9.50 11.47
N ILE A 368 24.49 -10.30 11.14
CA ILE A 368 23.12 -10.07 11.59
C ILE A 368 22.56 -11.33 12.24
N PRO A 369 22.19 -11.25 13.53
CA PRO A 369 21.76 -12.44 14.26
C PRO A 369 20.31 -12.78 13.98
N LYS A 370 19.95 -14.03 14.32
CA LYS A 370 18.61 -14.57 14.14
C LYS A 370 17.58 -13.78 14.94
N GLY A 371 16.35 -13.71 14.44
CA GLY A 371 15.29 -13.02 15.15
C GLY A 371 15.31 -11.51 14.99
N VAL A 372 16.42 -10.97 14.49
CA VAL A 372 16.47 -9.53 14.30
C VAL A 372 15.52 -9.23 13.15
N VAL A 373 14.81 -8.11 13.25
CA VAL A 373 13.93 -7.64 12.18
C VAL A 373 14.72 -6.62 11.35
N VAL A 374 15.03 -6.93 10.09
CA VAL A 374 15.74 -5.97 9.21
C VAL A 374 14.75 -5.00 8.52
N MET A 375 15.03 -3.71 8.59
CA MET A 375 14.07 -2.72 8.08
CA MET A 375 14.08 -2.72 8.08
C MET A 375 14.72 -1.84 7.05
N ILE A 376 13.95 -1.52 6.01
CA ILE A 376 14.36 -0.56 5.01
C ILE A 376 13.43 0.65 5.11
N PRO A 377 13.97 1.79 5.54
CA PRO A 377 13.12 2.96 5.80
C PRO A 377 12.78 3.70 4.54
N SER A 378 11.79 3.18 3.78
CA SER A 378 11.49 3.69 2.44
C SER A 378 11.28 5.21 2.51
N TYR A 379 10.34 5.67 3.34
CA TYR A 379 10.05 7.12 3.46
C TYR A 379 11.30 7.96 3.54
N ALA A 380 12.19 7.56 4.45
CA ALA A 380 13.41 8.30 4.76
C ALA A 380 14.30 8.34 3.53
N LEU A 381 14.48 7.18 2.91
CA LEU A 381 15.28 7.11 1.68
C LEU A 381 14.71 8.00 0.59
N HIS A 382 13.39 8.07 0.49
CA HIS A 382 12.78 8.85 -0.58
C HIS A 382 13.06 10.34 -0.43
N ARG A 383 13.39 10.78 0.81
CA ARG A 383 13.60 12.19 1.06
C ARG A 383 15.05 12.49 1.40
N ASP A 384 15.85 11.44 1.43
CA ASP A 384 17.30 11.58 1.53
C ASP A 384 17.85 12.52 0.45
N PRO A 385 18.47 13.65 0.86
CA PRO A 385 19.09 14.64 -0.03
C PRO A 385 20.12 14.02 -0.96
N LYS A 386 20.87 13.05 -0.43
CA LYS A 386 21.98 12.44 -1.11
C LYS A 386 21.61 11.73 -2.41
N TYR A 387 20.32 11.46 -2.60
CA TYR A 387 19.86 10.82 -3.84
C TYR A 387 18.90 11.70 -4.59
N TRP A 388 18.37 12.70 -3.88
CA TRP A 388 17.32 13.54 -4.39
C TRP A 388 17.64 15.00 -4.19
N THR A 389 17.81 15.74 -5.28
CA THR A 389 17.91 17.17 -5.16
C THR A 389 16.56 17.73 -4.75
N GLU A 390 16.55 18.54 -3.70
CA GLU A 390 15.35 19.25 -3.29
C GLU A 390 14.19 18.29 -3.03
N PRO A 391 14.44 17.28 -2.19
CA PRO A 391 13.56 16.09 -2.10
C PRO A 391 12.18 16.40 -1.55
N GLU A 392 12.06 17.49 -0.79
CA GLU A 392 10.76 17.89 -0.28
C GLU A 392 9.88 18.49 -1.36
N LYS A 393 10.50 18.96 -2.44
CA LYS A 393 9.76 19.54 -3.56
C LYS A 393 9.07 18.42 -4.35
N PHE A 394 8.01 18.79 -5.06
CA PHE A 394 7.34 17.85 -5.95
C PHE A 394 7.78 18.07 -7.40
N LEU A 395 8.71 17.27 -7.88
CA LEU A 395 9.25 17.46 -9.22
C LEU A 395 9.25 16.19 -10.03
N PRO A 396 8.24 16.02 -10.90
CA PRO A 396 8.06 14.80 -11.70
C PRO A 396 9.15 14.60 -12.73
N GLU A 397 9.80 15.68 -13.16
CA GLU A 397 10.88 15.56 -14.13
C GLU A 397 12.03 14.66 -13.64
N ARG A 398 12.08 14.40 -12.33
CA ARG A 398 12.98 13.40 -11.74
C ARG A 398 12.85 12.07 -12.47
N PHE A 399 11.62 11.73 -12.83
CA PHE A 399 11.26 10.46 -13.48
C PHE A 399 11.12 10.56 -14.99
N SER A 400 11.72 11.57 -15.60
CA SER A 400 11.71 11.70 -17.06
C SER A 400 12.54 10.58 -17.68
N LYS A 401 12.14 10.13 -18.87
CA LYS A 401 12.82 9.06 -19.60
C LYS A 401 14.34 9.27 -19.65
N LYS A 402 14.74 10.53 -19.63
CA LYS A 402 16.13 10.91 -19.49
C LYS A 402 16.68 10.62 -18.08
N ASN A 403 15.99 11.13 -17.06
CA ASN A 403 16.48 11.06 -15.69
C ASN A 403 16.14 9.77 -14.98
N LYS A 404 15.14 9.05 -15.50
CA LYS A 404 14.66 7.82 -14.87
C LYS A 404 15.77 6.78 -14.69
N ASP A 405 16.87 6.96 -15.43
CA ASP A 405 17.99 6.01 -15.43
C ASP A 405 18.86 6.14 -14.17
N ASN A 406 18.83 7.31 -13.56
CA ASN A 406 19.72 7.62 -12.44
C ASN A 406 19.15 7.22 -11.07
N ILE A 407 17.90 6.75 -11.06
CA ILE A 407 17.21 6.39 -9.83
C ILE A 407 17.47 4.94 -9.44
N ASP A 408 18.16 4.74 -8.32
CA ASP A 408 18.45 3.38 -7.83
C ASP A 408 17.18 2.74 -7.30
N PRO A 409 16.80 1.61 -7.91
CA PRO A 409 15.63 0.81 -7.57
C PRO A 409 15.62 0.35 -6.13
N TYR A 410 16.76 0.49 -5.44
CA TYR A 410 16.82 0.03 -4.04
C TYR A 410 16.74 1.19 -3.09
N ILE A 411 16.72 2.39 -3.65
CA ILE A 411 16.46 3.60 -2.89
C ILE A 411 14.99 3.97 -3.06
N TYR A 412 14.51 3.91 -4.30
CA TYR A 412 13.09 4.15 -4.60
C TYR A 412 12.36 2.82 -4.66
N THR A 413 11.55 2.55 -3.65
CA THR A 413 10.90 1.24 -3.55
C THR A 413 9.43 1.32 -3.15
N PRO A 414 8.64 2.12 -3.86
CA PRO A 414 7.23 2.28 -3.43
C PRO A 414 6.45 0.99 -3.30
N PHE A 415 6.89 -0.07 -3.96
CA PHE A 415 6.16 -1.34 -4.03
C PHE A 415 7.03 -2.50 -3.56
N GLY A 416 8.08 -2.16 -2.83
CA GLY A 416 9.04 -3.17 -2.42
C GLY A 416 9.87 -3.66 -3.57
N SER A 417 10.48 -4.83 -3.39
CA SER A 417 11.29 -5.46 -4.40
C SER A 417 11.60 -6.90 -4.05
N GLY A 418 11.85 -7.72 -5.07
CA GLY A 418 12.16 -9.13 -4.89
C GLY A 418 10.90 -9.98 -4.81
N PRO A 419 11.06 -11.29 -4.62
CA PRO A 419 9.94 -12.24 -4.64
C PRO A 419 8.75 -11.85 -3.76
N ARG A 420 8.89 -10.87 -2.89
CA ARG A 420 7.76 -10.55 -2.02
C ARG A 420 7.37 -9.07 -2.13
N ASN A 421 7.61 -8.49 -3.32
CA ASN A 421 7.15 -7.14 -3.62
C ASN A 421 5.64 -7.09 -3.74
N CYS A 422 5.07 -5.94 -4.10
CA CYS A 422 3.62 -5.85 -4.18
C CYS A 422 3.08 -6.59 -5.41
N ILE A 423 2.53 -7.77 -5.15
CA ILE A 423 1.94 -8.62 -6.16
C ILE A 423 0.90 -7.88 -7.03
N GLY A 424 0.32 -6.83 -6.47
CA GLY A 424 -0.77 -6.10 -7.09
C GLY A 424 -0.30 -4.81 -7.73
N MET A 425 1.02 -4.65 -7.77
CA MET A 425 1.61 -3.42 -8.32
C MET A 425 1.06 -3.01 -9.67
N ARG A 426 1.10 -3.89 -10.67
CA ARG A 426 0.66 -3.48 -12.00
CA ARG A 426 0.66 -3.49 -12.00
C ARG A 426 -0.81 -3.06 -11.95
N PHE A 427 -1.61 -3.86 -11.26
CA PHE A 427 -3.03 -3.58 -11.19
C PHE A 427 -3.30 -2.24 -10.53
N ALA A 428 -2.55 -1.93 -9.47
CA ALA A 428 -2.74 -0.67 -8.76
C ALA A 428 -2.48 0.49 -9.70
N LEU A 429 -1.29 0.48 -10.30
CA LEU A 429 -0.93 1.55 -11.22
C LEU A 429 -1.94 1.68 -12.35
N MET A 430 -2.44 0.55 -12.86
CA MET A 430 -3.39 0.62 -13.97
C MET A 430 -4.70 1.19 -13.48
N ASN A 431 -5.18 0.61 -12.39
CA ASN A 431 -6.39 1.08 -11.71
C ASN A 431 -6.37 2.58 -11.52
N MET A 432 -5.33 3.06 -10.84
CA MET A 432 -5.14 4.48 -10.57
C MET A 432 -5.12 5.33 -11.83
N LYS A 433 -4.20 5.03 -12.75
CA LYS A 433 -4.03 5.81 -13.97
C LYS A 433 -5.35 5.93 -14.72
N LEU A 434 -6.13 4.85 -14.71
CA LEU A 434 -7.40 4.82 -15.44
C LEU A 434 -8.38 5.85 -14.92
N ALA A 435 -8.33 6.08 -13.61
CA ALA A 435 -9.21 7.05 -12.95
C ALA A 435 -8.79 8.47 -13.27
N LEU A 436 -7.51 8.75 -13.04
CA LEU A 436 -6.99 10.10 -13.26
C LEU A 436 -7.28 10.63 -14.67
N ILE A 437 -7.04 9.77 -15.66
CA ILE A 437 -7.20 10.13 -17.06
C ILE A 437 -8.63 10.58 -17.33
N ARG A 438 -9.57 9.81 -16.80
CA ARG A 438 -10.99 10.10 -17.00
C ARG A 438 -11.44 11.29 -16.15
N VAL A 439 -10.64 11.61 -15.13
CA VAL A 439 -10.94 12.70 -14.21
C VAL A 439 -10.39 14.03 -14.73
N LEU A 440 -9.24 13.99 -15.38
CA LEU A 440 -8.62 15.21 -15.91
C LEU A 440 -9.12 15.48 -17.31
N GLN A 441 -9.85 14.52 -17.87
CA GLN A 441 -10.50 14.73 -19.15
C GLN A 441 -11.68 15.68 -19.01
N ASN A 442 -12.21 15.79 -17.80
CA ASN A 442 -13.46 16.52 -17.58
C ASN A 442 -13.35 17.65 -16.57
N PHE A 443 -12.48 17.46 -15.59
CA PHE A 443 -12.40 18.41 -14.50
C PHE A 443 -10.97 18.89 -14.26
N SER A 444 -10.86 20.13 -13.81
CA SER A 444 -9.61 20.60 -13.26
C SER A 444 -9.79 20.84 -11.75
N PHE A 445 -8.70 20.70 -11.00
CA PHE A 445 -8.78 20.69 -9.54
C PHE A 445 -8.06 21.87 -8.91
N LYS A 446 -8.76 22.60 -8.06
CA LYS A 446 -8.21 23.84 -7.51
C LYS A 446 -8.28 23.88 -5.99
N PRO A 447 -7.25 24.47 -5.38
CA PRO A 447 -7.16 24.54 -3.92
C PRO A 447 -8.22 25.46 -3.33
N CYS A 448 -8.87 25.02 -2.25
CA CYS A 448 -9.78 25.87 -1.52
C CYS A 448 -9.05 26.51 -0.33
N LYS A 449 -9.55 27.67 0.09
CA LYS A 449 -9.07 28.34 1.29
C LYS A 449 -8.90 27.34 2.44
N GLU A 450 -9.74 26.32 2.42
CA GLU A 450 -9.72 25.28 3.44
C GLU A 450 -8.70 24.20 3.18
N THR A 451 -8.19 24.13 1.96
CA THR A 451 -7.19 23.11 1.62
C THR A 451 -5.95 23.25 2.49
N GLN A 452 -5.58 22.18 3.18
CA GLN A 452 -4.37 22.24 3.99
C GLN A 452 -3.15 22.47 3.08
N ILE A 453 -2.57 23.65 3.18
CA ILE A 453 -1.36 23.97 2.42
C ILE A 453 -0.33 24.62 3.33
N PRO A 454 0.80 23.93 3.61
CA PRO A 454 1.23 22.63 3.09
C PRO A 454 0.63 21.45 3.83
N LEU A 455 0.47 20.35 3.12
CA LEU A 455 -0.11 19.14 3.67
C LEU A 455 0.79 18.51 4.70
N LYS A 456 0.36 18.54 5.96
CA LYS A 456 1.10 17.89 7.02
C LYS A 456 0.67 16.44 7.13
N LEU A 457 1.57 15.58 7.57
CA LEU A 457 1.36 14.14 7.52
C LEU A 457 0.83 13.59 8.81
N SER A 458 0.01 12.55 8.70
CA SER A 458 -0.50 11.92 9.90
C SER A 458 0.64 11.37 10.74
N LEU A 459 0.90 12.09 11.83
CA LEU A 459 1.80 11.68 12.91
C LEU A 459 1.40 10.30 13.43
N GLY A 460 0.20 9.86 13.07
CA GLY A 460 -0.25 8.51 13.34
C GLY A 460 0.64 7.44 12.74
N GLY A 461 0.11 6.23 12.67
CA GLY A 461 0.86 5.09 12.17
C GLY A 461 0.47 4.79 10.73
N LEU A 462 -0.26 5.73 10.17
CA LEU A 462 -0.68 5.63 8.80
C LEU A 462 0.06 6.66 8.02
N LEU A 463 0.38 6.33 6.78
CA LEU A 463 0.73 7.39 5.88
C LEU A 463 -0.55 7.85 5.19
N GLN A 464 -1.10 8.92 5.73
CA GLN A 464 -2.26 9.59 5.18
C GLN A 464 -2.13 11.05 5.64
N PRO A 465 -2.96 11.97 5.12
CA PRO A 465 -2.62 13.32 5.56
C PRO A 465 -3.05 13.57 6.99
N GLU A 466 -2.48 14.60 7.60
CA GLU A 466 -3.00 15.14 8.84
C GLU A 466 -4.48 15.38 8.58
N LYS A 467 -4.76 16.41 7.79
CA LYS A 467 -6.10 16.77 7.37
C LYS A 467 -6.40 16.24 5.96
N PRO A 468 -7.58 15.62 5.78
CA PRO A 468 -8.11 15.19 4.48
C PRO A 468 -8.07 16.30 3.44
N VAL A 469 -7.77 15.94 2.20
CA VAL A 469 -7.63 16.95 1.15
C VAL A 469 -8.99 17.46 0.66
N VAL A 470 -9.21 18.76 0.77
CA VAL A 470 -10.37 19.35 0.14
C VAL A 470 -9.92 20.31 -0.94
N LEU A 471 -10.55 20.21 -2.09
CA LEU A 471 -10.19 21.00 -3.26
C LEU A 471 -11.44 21.52 -3.95
N LYS A 472 -11.25 22.24 -5.03
CA LYS A 472 -12.37 22.73 -5.81
C LYS A 472 -12.41 21.99 -7.14
N VAL A 473 -13.63 21.70 -7.60
CA VAL A 473 -13.83 20.89 -8.80
C VAL A 473 -14.61 21.62 -9.86
N GLU A 474 -14.03 21.75 -11.05
CA GLU A 474 -14.63 22.54 -12.12
C GLU A 474 -14.79 21.72 -13.40
N SER A 475 -15.85 22.00 -14.14
CA SER A 475 -16.17 21.25 -15.35
CA SER A 475 -16.17 21.25 -15.35
C SER A 475 -15.52 21.86 -16.59
N ARG A 476 -14.58 21.14 -17.19
CA ARG A 476 -13.94 21.60 -18.42
C ARG A 476 -14.94 21.62 -19.56
CHA HEM B . 2.87 -5.95 -0.58
CHB HEM B . 2.65 -1.32 -1.81
CHC HEM B . -1.64 -1.97 -3.90
CHD HEM B . -1.44 -6.63 -2.87
C1A HEM B . 3.18 -4.63 -0.71
C2A HEM B . 4.36 -3.94 -0.17
C3A HEM B . 4.27 -2.68 -0.54
C4A HEM B . 3.05 -2.51 -1.28
CMA HEM B . 5.22 -1.48 -0.26
CAA HEM B . 5.51 -4.60 0.63
CBA HEM B . 6.35 -5.33 -0.40
CGA HEM B . 7.71 -5.73 0.11
O1A HEM B . 8.67 -5.78 -0.70
O2A HEM B . 7.89 -6.01 1.31
C1B HEM B . 1.49 -1.08 -2.50
C2B HEM B . 1.04 0.20 -3.00
C3B HEM B . -0.16 0.02 -3.57
C4B HEM B . -0.47 -1.38 -3.46
CMB HEM B . 1.85 1.51 -2.84
CAB HEM B . -1.08 1.03 -4.28
CBB HEM B . -0.64 2.17 -4.80
C1C HEM B . -1.95 -3.31 -3.82
C2C HEM B . -3.09 -3.93 -4.47
C3C HEM B . -3.05 -5.23 -4.22
C4C HEM B . -1.88 -5.46 -3.38
CMC HEM B . -4.19 -3.24 -5.32
CAC HEM B . -4.14 -6.20 -4.74
CBC HEM B . -4.12 -7.47 -4.33
C1D HEM B . -0.30 -6.83 -2.12
C2D HEM B . -0.01 -8.11 -1.51
C3D HEM B . 1.31 -7.91 -0.78
C4D HEM B . 1.69 -6.54 -1.05
CMD HEM B . -0.92 -9.35 -1.59
CAD HEM B . 2.14 -8.92 0.00
CBD HEM B . 2.79 -9.73 -1.13
CGD HEM B . 3.55 -10.94 -0.59
O1D HEM B . 3.78 -11.92 -1.34
O2D HEM B . 3.92 -10.90 0.61
NA HEM B . 2.41 -3.72 -1.37
NB HEM B . 0.54 -2.01 -2.79
NC HEM B . -1.23 -4.27 -3.18
ND HEM B . 0.72 -5.95 -1.83
FE HEM B . 0.56 -3.96 -2.31
C13 D81 C . -2.40 -6.24 5.15
C15 D81 C . -4.35 -5.37 6.37
C17 D81 C . -5.79 -3.43 6.64
C20 D81 C . -2.15 -6.44 3.59
C01 D81 C . -1.54 -2.88 8.35
C02 D81 C . -0.71 -2.20 7.26
C04 D81 C . -1.65 -1.32 6.38
C06 D81 C . 0.32 -4.46 6.89
C09 D81 C . 0.85 -6.84 5.74
C16 D81 C . -4.57 -4.10 7.22
C19 D81 C . -5.72 -5.64 5.69
C03 D81 C . 0.29 -1.22 7.89
C07 D81 C . 1.17 -4.59 7.94
C10 D81 C . 0.44 -7.77 6.96
C12 D81 C . -2.57 -7.52 6.02
C18 D81 C . -6.69 -4.59 6.22
C23 D81 C . -2.78 -5.44 1.38
C24 D81 C . -1.97 -4.28 0.98
C25 D81 C . -1.86 -3.15 1.74
C26 D81 C . -1.10 -2.07 1.38
C27 D81 C . -0.40 -2.13 0.20
C29 D81 C . -1.23 -4.26 -0.18
C30 D81 C . 2.36 -6.76 5.42
C31 D81 C . 2.53 -5.46 4.68
C32 D81 C . 2.15 -5.37 3.35
C33 D81 C . 2.26 -4.18 2.67
C34 D81 C . 2.72 -3.01 3.26
C35 D81 C . 3.10 -3.08 4.61
C36 D81 C . 2.99 -4.28 5.28
N08 D81 C . 0.27 -5.46 5.86
N14 D81 C . -3.35 -5.13 5.34
N22 D81 C . -2.85 -5.48 2.79
N28 D81 C . -0.47 -3.24 -0.59
O05 D81 C . -0.06 -3.19 6.42
O21 D81 C . -1.45 -7.28 3.13
S11 D81 C . -1.39 -7.46 7.47
#